data_9EW5
#
_entry.id   9EW5
#
_cell.length_a   61.072
_cell.length_b   90.017
_cell.length_c   118.046
_cell.angle_alpha   90.00
_cell.angle_beta   90.00
_cell.angle_gamma   90.00
#
_symmetry.space_group_name_H-M   'P 2 21 21'
#
loop_
_entity.id
_entity.type
_entity.pdbx_description
1 polymer '14-3-3 protein sigma'
2 polymer 'RAF proto-oncogene serine/threonine-protein kinase'
3 non-polymer 2-chloranyl-~{N}-[[1-(4-iodophenyl)sulfonylpiperidin-4-yl]methyl]ethanamide
4 non-polymer 'CALCIUM ION'
5 non-polymer 'MAGNESIUM ION'
6 water water
#
loop_
_entity_poly.entity_id
_entity_poly.type
_entity_poly.pdbx_seq_one_letter_code
_entity_poly.pdbx_strand_id
1 'polypeptide(L)'
;GAMGSMERASLIQKAKLAEQAERYEDMAAFMKGAVEKGEELSCEERNLLSVAYKNVVGGQRAAWRVLSSIEQKSNEEGSE
EKGPEVREYREKVETELQGVCDTVLGLLDSHLIKEAGDAESRVFYLKMKGDYYRYLAEVATGDDKKRIIDSARSAYQEAM
DISKKEMPPTNPIRLGLALNFSVFHYEIANSPEEAISLAKTTFDEAMADLHTLSEDSYKDSTLIMQLLRDNLTLWT
;
A,D
2 'polypeptide(L)' QRST(SEP)TPNVHM C,F
#
# COMPACT_ATOMS: atom_id res chain seq x y z
N MET A 3 -8.20 14.13 15.31
CA MET A 3 -6.75 14.42 15.56
C MET A 3 -6.60 15.52 16.60
N GLY A 4 -7.50 16.49 16.54
CA GLY A 4 -7.40 17.69 17.36
C GLY A 4 -7.43 17.41 18.86
N SER A 5 -8.00 16.26 19.28
CA SER A 5 -8.04 15.89 20.69
C SER A 5 -6.70 15.33 21.15
N MET A 6 -5.77 15.01 20.22
CA MET A 6 -4.52 14.41 20.64
C MET A 6 -3.52 15.56 20.80
N GLU A 7 -2.59 15.35 21.70
CA GLU A 7 -1.47 16.26 21.96
C GLU A 7 -0.54 16.21 20.76
N ARG A 8 0.11 17.34 20.49
CA ARG A 8 1.06 17.41 19.39
C ARG A 8 2.10 16.29 19.45
N ALA A 9 2.73 16.04 20.60
CA ALA A 9 3.77 15.05 20.71
C ALA A 9 3.24 13.66 20.37
N SER A 10 1.98 13.39 20.73
CA SER A 10 1.36 12.11 20.47
C SER A 10 1.15 11.95 18.95
N LEU A 11 0.72 13.02 18.27
CA LEU A 11 0.53 12.99 16.81
C LEU A 11 1.85 12.68 16.10
N ILE A 12 2.94 13.30 16.55
CA ILE A 12 4.25 13.07 15.93
C ILE A 12 4.67 11.62 16.17
N GLN A 13 4.52 11.12 17.42
CA GLN A 13 4.86 9.75 17.71
C GLN A 13 4.05 8.76 16.83
N LYS A 14 2.75 9.00 16.68
CA LYS A 14 1.88 8.14 15.90
C LYS A 14 2.29 8.21 14.42
N ALA A 15 2.69 9.38 13.93
CA ALA A 15 3.18 9.43 12.53
C ALA A 15 4.39 8.52 12.34
N LYS A 16 5.35 8.51 13.28
CA LYS A 16 6.54 7.67 13.20
C LYS A 16 6.14 6.18 13.25
N LEU A 17 5.17 5.82 14.11
CA LEU A 17 4.66 4.46 14.17
C LEU A 17 4.01 4.04 12.85
N ALA A 18 3.16 4.90 12.31
CA ALA A 18 2.51 4.64 11.02
C ALA A 18 3.57 4.41 9.94
N GLU A 19 4.64 5.21 9.95
CA GLU A 19 5.71 5.04 8.96
C GLU A 19 6.33 3.64 9.06
N GLN A 20 6.63 3.20 10.26
CA GLN A 20 7.23 1.89 10.49
C GLN A 20 6.28 0.77 10.03
N ALA A 21 4.97 1.00 10.14
CA ALA A 21 3.96 0.03 9.74
C ALA A 21 3.58 0.14 8.27
N GLU A 22 4.21 1.08 7.54
CA GLU A 22 3.94 1.31 6.11
C GLU A 22 2.46 1.67 5.91
N ARG A 23 1.89 2.45 6.85
CA ARG A 23 0.54 2.92 6.78
C ARG A 23 0.56 4.43 6.49
N TYR A 24 0.75 4.75 5.22
CA TYR A 24 1.07 6.13 4.86
C TYR A 24 -0.13 7.06 4.88
N GLU A 25 -1.36 6.60 4.59
CA GLU A 25 -2.51 7.43 4.74
C GLU A 25 -2.67 7.87 6.22
N ASP A 26 -2.51 6.90 7.14
CA ASP A 26 -2.59 7.26 8.54
C ASP A 26 -1.50 8.27 8.90
N MET A 27 -0.27 8.01 8.45
CA MET A 27 0.89 8.87 8.70
C MET A 27 0.59 10.31 8.29
N ALA A 28 0.06 10.49 7.10
CA ALA A 28 -0.30 11.80 6.57
C ALA A 28 -1.35 12.48 7.44
N ALA A 29 -2.39 11.74 7.87
CA ALA A 29 -3.43 12.33 8.68
C ALA A 29 -2.88 12.78 10.04
N PHE A 30 -1.97 11.99 10.62
CA PHE A 30 -1.31 12.37 11.88
C PHE A 30 -0.52 13.66 11.69
N MET A 31 0.23 13.75 10.59
CA MET A 31 1.03 14.95 10.35
C MET A 31 0.16 16.18 10.06
N LYS A 32 -0.97 16.02 9.37
CA LYS A 32 -1.92 17.11 9.18
C LYS A 32 -2.41 17.64 10.52
N GLY A 33 -2.75 16.71 11.43
CA GLY A 33 -3.15 17.08 12.78
C GLY A 33 -2.04 17.85 13.49
N ALA A 34 -0.80 17.40 13.36
CA ALA A 34 0.35 18.06 13.97
C ALA A 34 0.51 19.47 13.40
N VAL A 35 0.39 19.65 12.09
CA VAL A 35 0.49 20.96 11.46
C VAL A 35 -0.56 21.90 12.04
N GLU A 36 -1.77 21.36 12.26
CA GLU A 36 -2.92 22.15 12.68
C GLU A 36 -2.76 22.69 14.10
N LYS A 37 -1.78 22.21 14.85
CA LYS A 37 -1.49 22.70 16.19
C LYS A 37 -0.92 24.12 16.11
N GLY A 38 -0.39 24.51 14.95
CA GLY A 38 0.01 25.89 14.69
C GLY A 38 1.48 26.20 15.02
N GLU A 39 2.29 25.23 15.45
CA GLU A 39 3.72 25.40 15.64
C GLU A 39 4.47 25.11 14.32
N GLU A 40 5.64 25.71 14.13
CA GLU A 40 6.50 25.36 13.00
C GLU A 40 6.89 23.88 13.11
N LEU A 41 7.27 23.32 11.95
CA LEU A 41 7.79 21.97 11.88
C LEU A 41 9.30 22.04 11.91
N SER A 42 9.94 21.12 12.64
CA SER A 42 11.35 20.88 12.49
C SER A 42 11.70 20.21 11.16
N CYS A 43 13.00 20.13 10.84
CA CYS A 43 13.45 19.39 9.67
C CYS A 43 13.00 17.92 9.69
N GLU A 44 13.12 17.23 10.85
CA GLU A 44 12.64 15.87 10.92
C GLU A 44 11.13 15.80 10.62
N GLU A 45 10.36 16.76 11.13
CA GLU A 45 8.91 16.73 10.98
C GLU A 45 8.51 17.07 9.54
N ARG A 46 9.29 17.95 8.87
CA ARG A 46 9.09 18.18 7.46
C ARG A 46 9.32 16.90 6.66
N ASN A 47 10.34 16.09 7.01
CA ASN A 47 10.57 14.80 6.39
C ASN A 47 9.32 13.92 6.56
N LEU A 48 8.78 13.83 7.78
CA LEU A 48 7.62 12.99 8.00
C LEU A 48 6.42 13.43 7.13
N LEU A 49 6.16 14.72 7.11
CA LEU A 49 5.10 15.31 6.30
C LEU A 49 5.27 14.95 4.82
N SER A 50 6.48 15.20 4.30
CA SER A 50 6.81 15.01 2.89
C SER A 50 6.66 13.53 2.50
N VAL A 51 7.30 12.64 3.29
CA VAL A 51 7.29 11.21 2.99
C VAL A 51 5.86 10.68 2.98
N ALA A 52 5.05 11.09 3.96
CA ALA A 52 3.70 10.58 4.09
C ALA A 52 2.85 10.95 2.86
N TYR A 53 2.75 12.25 2.54
CA TYR A 53 1.89 12.68 1.45
C TYR A 53 2.43 12.20 0.10
N LYS A 54 3.76 12.12 -0.06
CA LYS A 54 4.28 11.66 -1.33
C LYS A 54 4.01 10.18 -1.58
N ASN A 55 4.02 9.34 -0.53
CA ASN A 55 3.61 7.96 -0.67
C ASN A 55 2.17 7.88 -1.12
N VAL A 56 1.25 8.63 -0.48
CA VAL A 56 -0.17 8.58 -0.83
C VAL A 56 -0.37 9.02 -2.29
N VAL A 57 0.11 10.22 -2.64
CA VAL A 57 -0.12 10.72 -4.00
C VAL A 57 0.64 9.88 -5.02
N GLY A 58 1.81 9.35 -4.67
CA GLY A 58 2.58 8.46 -5.54
C GLY A 58 1.80 7.23 -5.98
N GLY A 59 1.10 6.60 -5.04
CA GLY A 59 0.23 5.47 -5.33
C GLY A 59 -0.90 5.85 -6.28
N GLN A 60 -1.51 7.00 -6.03
CA GLN A 60 -2.57 7.52 -6.87
C GLN A 60 -2.11 7.81 -8.30
N ARG A 61 -0.92 8.45 -8.43
CA ARG A 61 -0.37 8.79 -9.72
C ARG A 61 -0.07 7.51 -10.50
N ALA A 62 0.50 6.49 -9.82
CA ALA A 62 0.81 5.24 -10.50
C ALA A 62 -0.49 4.58 -11.03
N ALA A 63 -1.54 4.56 -10.20
CA ALA A 63 -2.82 3.98 -10.58
C ALA A 63 -3.44 4.75 -11.73
N TRP A 64 -3.42 6.08 -11.68
CA TRP A 64 -4.02 6.91 -12.71
C TRP A 64 -3.34 6.65 -14.05
N ARG A 65 -2.01 6.50 -14.02
CA ARG A 65 -1.23 6.24 -15.23
C ARG A 65 -1.61 4.90 -15.85
N VAL A 66 -1.75 3.85 -15.03
CA VAL A 66 -2.17 2.53 -15.54
C VAL A 66 -3.53 2.68 -16.22
N LEU A 67 -4.49 3.34 -15.56
CA LEU A 67 -5.86 3.42 -16.00
C LEU A 67 -5.94 4.25 -17.28
N SER A 68 -5.23 5.38 -17.29
CA SER A 68 -5.20 6.26 -18.45
C SER A 68 -4.61 5.53 -19.65
N SER A 69 -3.58 4.72 -19.49
CA SER A 69 -3.02 3.91 -20.58
C SER A 69 -4.08 2.93 -21.15
N ILE A 70 -4.76 2.22 -20.26
CA ILE A 70 -5.82 1.30 -20.69
C ILE A 70 -6.90 2.08 -21.45
N GLU A 71 -7.30 3.26 -20.96
CA GLU A 71 -8.35 4.06 -21.57
C GLU A 71 -7.98 4.43 -23.00
N GLN A 72 -6.74 4.88 -23.18
CA GLN A 72 -6.26 5.33 -24.49
C GLN A 72 -6.18 4.14 -25.46
N LYS A 73 -5.76 2.96 -24.96
CA LYS A 73 -5.61 1.79 -25.80
C LYS A 73 -7.00 1.35 -26.27
N SER A 74 -7.97 1.36 -25.35
CA SER A 74 -9.36 1.05 -25.62
C SER A 74 -9.90 1.94 -26.75
N ASN A 75 -9.67 3.25 -26.64
CA ASN A 75 -9.85 4.15 -27.77
C ASN A 75 -8.78 3.87 -28.82
N GLY A 83 -16.54 -0.32 -23.35
CA GLY A 83 -17.69 0.32 -22.65
C GLY A 83 -17.25 1.45 -21.73
N PRO A 84 -18.13 1.96 -20.84
CA PRO A 84 -17.83 3.14 -20.00
C PRO A 84 -16.93 2.95 -18.75
N GLU A 85 -16.68 1.69 -18.37
CA GLU A 85 -16.12 1.37 -17.06
C GLU A 85 -14.73 1.98 -16.84
N VAL A 86 -13.84 1.94 -17.84
CA VAL A 86 -12.47 2.39 -17.61
C VAL A 86 -12.46 3.90 -17.41
N ARG A 87 -13.22 4.63 -18.23
CA ARG A 87 -13.36 6.08 -18.03
C ARG A 87 -13.93 6.43 -16.66
N GLU A 88 -15.00 5.73 -16.22
CA GLU A 88 -15.60 5.99 -14.93
C GLU A 88 -14.56 5.77 -13.80
N TYR A 89 -13.83 4.66 -13.87
CA TYR A 89 -12.92 4.31 -12.78
C TYR A 89 -11.69 5.21 -12.79
N ARG A 90 -11.17 5.56 -13.97
CA ARG A 90 -10.11 6.57 -14.06
C ARG A 90 -10.55 7.90 -13.46
N GLU A 91 -11.81 8.33 -13.71
CA GLU A 91 -12.33 9.56 -13.13
C GLU A 91 -12.38 9.47 -11.61
N LYS A 92 -12.78 8.31 -11.07
CA LYS A 92 -12.86 8.14 -9.63
C LYS A 92 -11.47 8.31 -9.00
N VAL A 93 -10.48 7.62 -9.55
CA VAL A 93 -9.13 7.72 -9.01
C VAL A 93 -8.62 9.15 -9.15
N GLU A 94 -8.84 9.79 -10.30
CA GLU A 94 -8.44 11.16 -10.56
C GLU A 94 -8.99 12.11 -9.50
N THR A 95 -10.28 11.97 -9.16
CA THR A 95 -10.92 12.84 -8.20
C THR A 95 -10.28 12.65 -6.81
N GLU A 96 -9.90 11.43 -6.45
CA GLU A 96 -9.25 11.16 -5.18
C GLU A 96 -7.85 11.80 -5.14
N LEU A 97 -7.11 11.69 -6.26
CA LEU A 97 -5.79 12.31 -6.39
C LEU A 97 -5.91 13.82 -6.18
N GLN A 98 -6.87 14.43 -6.86
CA GLN A 98 -7.07 15.86 -6.77
C GLN A 98 -7.42 16.28 -5.35
N GLY A 99 -8.23 15.47 -4.65
CA GLY A 99 -8.54 15.70 -3.26
C GLY A 99 -7.31 15.78 -2.36
N VAL A 100 -6.38 14.83 -2.50
CA VAL A 100 -5.15 14.81 -1.73
C VAL A 100 -4.26 16.02 -2.04
N CYS A 101 -4.16 16.36 -3.32
CA CYS A 101 -3.36 17.51 -3.70
C CYS A 101 -3.96 18.78 -3.14
N ASP A 102 -5.30 18.88 -3.14
CA ASP A 102 -5.96 20.06 -2.58
C ASP A 102 -5.74 20.13 -1.08
N THR A 103 -5.75 19.00 -0.36
CA THR A 103 -5.47 18.97 1.07
C THR A 103 -4.07 19.51 1.37
N VAL A 104 -3.06 19.04 0.61
CA VAL A 104 -1.70 19.51 0.84
C VAL A 104 -1.58 21.00 0.55
N LEU A 105 -2.13 21.43 -0.59
CA LEU A 105 -2.05 22.83 -0.96
C LEU A 105 -2.77 23.72 0.06
N GLY A 106 -3.88 23.20 0.58
CA GLY A 106 -4.60 23.90 1.65
C GLY A 106 -3.75 24.09 2.91
N LEU A 107 -3.03 23.05 3.34
CA LEU A 107 -2.16 23.09 4.50
C LEU A 107 -1.04 24.11 4.29
N LEU A 108 -0.47 24.12 3.07
CA LEU A 108 0.64 24.98 2.76
C LEU A 108 0.18 26.41 2.84
N ASP A 109 -1.01 26.69 2.33
CA ASP A 109 -1.52 28.07 2.28
C ASP A 109 -1.99 28.53 3.67
N SER A 110 -2.68 27.66 4.42
CA SER A 110 -3.30 28.07 5.67
C SER A 110 -2.32 28.10 6.84
N HIS A 111 -1.27 27.27 6.84
CA HIS A 111 -0.40 27.08 7.98
C HIS A 111 1.09 27.24 7.71
N LEU A 112 1.60 26.71 6.58
CA LEU A 112 3.04 26.43 6.51
C LEU A 112 3.87 27.53 5.84
N ILE A 113 3.39 28.05 4.73
CA ILE A 113 4.10 29.08 3.99
C ILE A 113 3.94 30.41 4.74
N LYS A 114 5.07 30.97 5.13
CA LYS A 114 5.03 32.30 5.77
C LYS A 114 6.18 33.16 5.21
N GLU A 115 6.04 34.49 5.32
CA GLU A 115 7.16 35.41 5.04
C GLU A 115 8.29 35.23 6.05
N ALA A 116 7.97 34.80 7.28
CA ALA A 116 8.95 34.58 8.33
C ALA A 116 9.60 33.20 8.22
N GLY A 117 10.73 33.06 8.90
CA GLY A 117 11.35 31.76 9.09
C GLY A 117 12.56 31.65 8.17
N ASP A 118 13.33 30.61 8.41
CA ASP A 118 14.59 30.46 7.73
C ASP A 118 14.32 30.11 6.26
N ALA A 119 15.39 30.24 5.47
CA ALA A 119 15.34 30.03 4.04
C ALA A 119 15.01 28.59 3.70
N GLU A 120 15.63 27.65 4.41
CA GLU A 120 15.41 26.22 4.18
C GLU A 120 13.91 25.93 4.22
N SER A 121 13.24 26.42 5.26
CA SER A 121 11.83 26.07 5.42
C SER A 121 10.98 26.76 4.34
N ARG A 122 11.23 28.04 4.05
CA ARG A 122 10.45 28.71 3.05
C ARG A 122 10.62 28.04 1.67
N VAL A 123 11.87 27.71 1.31
CA VAL A 123 12.12 27.06 0.02
C VAL A 123 11.46 25.68 -0.03
N PHE A 124 11.59 24.90 1.05
CA PHE A 124 10.98 23.57 1.11
C PHE A 124 9.46 23.65 0.82
N TYR A 125 8.76 24.59 1.47
CA TYR A 125 7.33 24.66 1.35
C TYR A 125 6.89 25.17 -0.04
N LEU A 126 7.66 26.13 -0.58
CA LEU A 126 7.37 26.59 -1.93
C LEU A 126 7.63 25.53 -3.00
N LYS A 127 8.71 24.75 -2.83
CA LYS A 127 8.92 23.58 -3.69
C LYS A 127 7.74 22.62 -3.61
N MET A 128 7.27 22.37 -2.39
CA MET A 128 6.15 21.44 -2.19
C MET A 128 4.90 21.94 -2.92
N LYS A 129 4.63 23.25 -2.83
CA LYS A 129 3.52 23.85 -3.55
C LYS A 129 3.66 23.66 -5.07
N GLY A 130 4.88 23.89 -5.60
CA GLY A 130 5.12 23.63 -7.02
C GLY A 130 4.85 22.16 -7.40
N ASP A 131 5.37 21.24 -6.57
CA ASP A 131 5.20 19.81 -6.82
C ASP A 131 3.70 19.41 -6.88
N TYR A 132 2.90 19.85 -5.90
CA TYR A 132 1.49 19.43 -5.83
C TYR A 132 0.65 20.08 -6.92
N TYR A 133 0.98 21.32 -7.34
CA TYR A 133 0.37 21.86 -8.53
C TYR A 133 0.79 21.07 -9.78
N ARG A 134 2.05 20.60 -9.83
CA ARG A 134 2.52 19.81 -10.95
C ARG A 134 1.75 18.48 -11.04
N TYR A 135 1.49 17.84 -9.88
CA TYR A 135 0.71 16.61 -9.90
C TYR A 135 -0.73 16.89 -10.37
N LEU A 136 -1.32 18.02 -9.98
CA LEU A 136 -2.63 18.42 -10.51
C LEU A 136 -2.54 18.65 -12.02
N ALA A 137 -1.43 19.23 -12.51
CA ALA A 137 -1.28 19.48 -13.93
C ALA A 137 -1.22 18.21 -14.76
N GLU A 138 -0.65 17.14 -14.24
CA GLU A 138 -0.54 15.86 -14.94
C GLU A 138 -1.92 15.33 -15.35
N VAL A 139 -2.99 15.67 -14.60
CA VAL A 139 -4.30 15.09 -14.88
C VAL A 139 -5.28 16.12 -15.45
N ALA A 140 -4.85 17.38 -15.55
CA ALA A 140 -5.76 18.47 -15.91
C ALA A 140 -5.91 18.56 -17.44
N THR A 141 -7.04 19.14 -17.87
CA THR A 141 -7.22 19.57 -19.27
C THR A 141 -7.62 21.04 -19.37
N GLY A 142 -7.42 21.59 -20.58
CA GLY A 142 -8.05 22.82 -21.03
C GLY A 142 -7.55 24.07 -20.30
N ASP A 143 -8.51 24.93 -19.93
CA ASP A 143 -8.22 26.21 -19.32
C ASP A 143 -7.74 26.03 -17.89
N ASP A 144 -8.35 25.06 -17.20
CA ASP A 144 -7.90 24.79 -15.85
C ASP A 144 -6.41 24.43 -15.87
N LYS A 145 -5.98 23.70 -16.88
CA LYS A 145 -4.62 23.20 -16.96
C LYS A 145 -3.67 24.40 -17.04
N LYS A 146 -4.04 25.41 -17.83
CA LYS A 146 -3.19 26.58 -17.97
C LYS A 146 -2.96 27.28 -16.63
N ARG A 147 -4.04 27.52 -15.85
CA ARG A 147 -3.95 28.16 -14.58
C ARG A 147 -3.09 27.32 -13.62
N ILE A 148 -3.32 26.01 -13.64
CA ILE A 148 -2.57 25.13 -12.73
C ILE A 148 -1.06 25.17 -13.03
N ILE A 149 -0.70 25.11 -14.31
CA ILE A 149 0.68 25.17 -14.74
C ILE A 149 1.31 26.50 -14.31
N ASP A 150 0.56 27.62 -14.44
CA ASP A 150 1.07 28.92 -14.02
C ASP A 150 1.32 28.95 -12.52
N SER A 151 0.43 28.31 -11.71
CA SER A 151 0.59 28.25 -10.27
C SER A 151 1.87 27.49 -9.90
N ALA A 152 2.11 26.36 -10.57
CA ALA A 152 3.31 25.55 -10.33
C ALA A 152 4.57 26.35 -10.64
N ARG A 153 4.54 26.99 -11.83
CA ARG A 153 5.69 27.75 -12.28
C ARG A 153 6.00 28.88 -11.28
N SER A 154 4.97 29.60 -10.81
CA SER A 154 5.13 30.72 -9.89
CA SER A 154 5.13 30.72 -9.89
C SER A 154 5.73 30.30 -8.56
N ALA A 155 5.25 29.17 -8.03
CA ALA A 155 5.79 28.64 -6.77
C ALA A 155 7.25 28.24 -6.91
N TYR A 156 7.55 27.44 -7.93
CA TYR A 156 8.93 27.04 -8.21
C TYR A 156 9.84 28.25 -8.43
N GLN A 157 9.39 29.27 -9.16
CA GLN A 157 10.26 30.42 -9.42
C GLN A 157 10.55 31.21 -8.14
N GLU A 158 9.57 31.37 -7.26
CA GLU A 158 9.81 32.07 -6.00
C GLU A 158 10.82 31.28 -5.18
N ALA A 159 10.65 29.96 -5.14
CA ALA A 159 11.58 29.13 -4.40
C ALA A 159 13.00 29.23 -4.97
N MET A 160 13.12 29.25 -6.31
CA MET A 160 14.42 29.37 -6.97
C MET A 160 15.10 30.70 -6.59
N ASP A 161 14.31 31.77 -6.57
CA ASP A 161 14.85 33.11 -6.27
C ASP A 161 15.40 33.15 -4.86
N ILE A 162 14.69 32.61 -3.87
CA ILE A 162 15.16 32.55 -2.50
C ILE A 162 16.42 31.69 -2.41
N SER A 163 16.37 30.49 -3.01
CA SER A 163 17.49 29.55 -2.88
C SER A 163 18.79 30.14 -3.46
N LYS A 164 18.70 30.90 -4.54
CA LYS A 164 19.90 31.48 -5.16
C LYS A 164 20.47 32.60 -4.30
N LYS A 165 19.62 33.31 -3.59
CA LYS A 165 20.06 34.38 -2.69
C LYS A 165 20.59 33.86 -1.36
N GLU A 166 20.02 32.76 -0.83
CA GLU A 166 20.18 32.43 0.58
C GLU A 166 20.85 31.09 0.86
N MET A 167 20.97 30.19 -0.14
CA MET A 167 21.57 28.88 0.06
C MET A 167 22.77 28.66 -0.85
N PRO A 168 23.74 27.83 -0.43
CA PRO A 168 24.85 27.47 -1.28
C PRO A 168 24.39 26.56 -2.43
N PRO A 169 25.09 26.57 -3.58
CA PRO A 169 24.66 25.82 -4.75
C PRO A 169 24.59 24.31 -4.63
N THR A 170 25.27 23.73 -3.61
CA THR A 170 25.27 22.29 -3.41
C THR A 170 24.30 21.91 -2.28
N ASN A 171 23.54 22.86 -1.73
CA ASN A 171 22.58 22.55 -0.67
C ASN A 171 21.54 21.56 -1.24
N PRO A 172 21.23 20.46 -0.53
CA PRO A 172 20.32 19.44 -1.08
C PRO A 172 18.87 19.84 -1.30
N ILE A 173 18.37 20.83 -0.56
CA ILE A 173 17.03 21.37 -0.76
C ILE A 173 17.04 22.17 -2.07
N ARG A 174 18.06 23.04 -2.22
CA ARG A 174 18.20 23.81 -3.48
C ARG A 174 18.32 22.85 -4.65
N LEU A 175 19.07 21.76 -4.50
CA LEU A 175 19.27 20.80 -5.59
C LEU A 175 17.97 20.09 -5.94
N GLY A 176 17.24 19.62 -4.92
CA GLY A 176 15.99 18.91 -5.17
C GLY A 176 14.94 19.80 -5.84
N LEU A 177 14.91 21.05 -5.40
CA LEU A 177 14.05 22.06 -6.05
C LEU A 177 14.42 22.23 -7.53
N ALA A 178 15.71 22.38 -7.84
CA ALA A 178 16.12 22.61 -9.21
C ALA A 178 15.81 21.37 -10.09
N LEU A 179 16.11 20.18 -9.56
CA LEU A 179 15.76 18.91 -10.21
C LEU A 179 14.25 18.91 -10.54
N ASN A 180 13.39 19.17 -9.55
CA ASN A 180 11.96 19.12 -9.80
C ASN A 180 11.49 20.18 -10.79
N PHE A 181 12.09 21.38 -10.73
CA PHE A 181 11.73 22.43 -11.67
C PHE A 181 12.14 22.04 -13.08
N SER A 182 13.29 21.38 -13.24
CA SER A 182 13.71 20.90 -14.56
C SER A 182 12.76 19.85 -15.13
N VAL A 183 12.23 18.97 -14.26
CA VAL A 183 11.23 17.99 -14.63
C VAL A 183 9.93 18.69 -15.08
N PHE A 184 9.51 19.70 -14.34
CA PHE A 184 8.37 20.54 -14.73
C PHE A 184 8.57 21.06 -16.16
N HIS A 185 9.75 21.63 -16.42
CA HIS A 185 9.98 22.21 -17.73
C HIS A 185 9.87 21.14 -18.81
N TYR A 186 10.46 19.96 -18.62
CA TYR A 186 10.53 18.94 -19.63
C TYR A 186 9.16 18.28 -19.83
N GLU A 187 8.49 17.90 -18.73
CA GLU A 187 7.34 17.00 -18.80
C GLU A 187 6.01 17.73 -18.81
N ILE A 188 5.94 18.96 -18.31
CA ILE A 188 4.69 19.73 -18.15
C ILE A 188 4.65 20.91 -19.10
N ALA A 189 5.72 21.71 -19.12
CA ALA A 189 5.70 22.99 -19.82
C ALA A 189 6.24 22.91 -21.26
N ASN A 190 6.56 21.74 -21.77
CA ASN A 190 7.00 21.56 -23.16
C ASN A 190 8.18 22.49 -23.45
N SER A 191 9.17 22.49 -22.52
CA SER A 191 10.31 23.39 -22.56
C SER A 191 11.61 22.58 -22.43
N PRO A 192 11.97 21.72 -23.40
CA PRO A 192 13.14 20.85 -23.22
C PRO A 192 14.44 21.67 -23.12
N GLU A 193 14.54 22.75 -23.91
CA GLU A 193 15.74 23.57 -23.85
C GLU A 193 16.00 24.15 -22.46
N GLU A 194 14.95 24.65 -21.83
CA GLU A 194 15.06 25.22 -20.49
C GLU A 194 15.36 24.09 -19.48
N ALA A 195 14.74 22.91 -19.64
CA ALA A 195 14.99 21.78 -18.74
C ALA A 195 16.48 21.48 -18.73
N ILE A 196 17.02 21.32 -19.94
CA ILE A 196 18.41 20.88 -20.08
C ILE A 196 19.34 21.97 -19.57
N SER A 197 19.10 23.21 -19.98
CA SER A 197 19.91 24.32 -19.49
C SER A 197 19.91 24.47 -17.99
N LEU A 198 18.72 24.37 -17.33
CA LEU A 198 18.66 24.46 -15.89
C LEU A 198 19.41 23.28 -15.25
N ALA A 199 19.21 22.06 -15.75
CA ALA A 199 19.86 20.90 -15.12
C ALA A 199 21.37 20.98 -15.25
N LYS A 200 21.90 21.38 -16.42
CA LYS A 200 23.34 21.47 -16.64
C LYS A 200 23.93 22.57 -15.78
N THR A 201 23.35 23.77 -15.76
CA THR A 201 23.85 24.88 -14.92
C THR A 201 23.85 24.45 -13.44
N THR A 202 22.74 23.82 -12.98
CA THR A 202 22.65 23.37 -11.60
C THR A 202 23.76 22.38 -11.28
N PHE A 203 23.96 21.40 -12.15
CA PHE A 203 24.98 20.36 -11.94
C PHE A 203 26.35 21.02 -11.82
N ASP A 204 26.69 21.86 -12.80
CA ASP A 204 28.02 22.46 -12.82
C ASP A 204 28.29 23.34 -11.61
N GLU A 205 27.32 24.17 -11.22
CA GLU A 205 27.52 25.11 -10.12
C GLU A 205 27.58 24.34 -8.79
N ALA A 206 26.85 23.22 -8.71
CA ALA A 206 26.90 22.39 -7.52
C ALA A 206 28.27 21.72 -7.39
N MET A 207 28.78 21.16 -8.49
CA MET A 207 30.09 20.49 -8.45
C MET A 207 31.22 21.48 -8.12
N ALA A 208 31.12 22.72 -8.63
CA ALA A 208 32.12 23.76 -8.38
C ALA A 208 32.23 24.10 -6.89
N ASP A 209 31.15 23.92 -6.13
CA ASP A 209 31.12 24.29 -4.72
C ASP A 209 31.05 23.07 -3.79
N LEU A 210 31.13 21.84 -4.33
CA LEU A 210 30.93 20.63 -3.52
C LEU A 210 31.95 20.53 -2.37
N HIS A 211 33.15 21.04 -2.59
CA HIS A 211 34.20 21.00 -1.58
C HIS A 211 33.81 21.76 -0.32
N THR A 212 32.82 22.67 -0.36
CA THR A 212 32.40 23.46 0.78
C THR A 212 31.23 22.80 1.54
N LEU A 213 30.61 21.76 0.98
CA LEU A 213 29.42 21.15 1.57
C LEU A 213 29.78 20.33 2.82
N SER A 214 28.88 20.42 3.80
CA SER A 214 29.03 19.68 5.05
C SER A 214 28.94 18.18 4.78
N GLU A 215 29.60 17.39 5.61
CA GLU A 215 29.56 15.95 5.48
C GLU A 215 28.13 15.43 5.67
N ASP A 216 27.30 16.11 6.49
CA ASP A 216 25.96 15.64 6.81
C ASP A 216 25.06 15.65 5.57
N SER A 217 25.45 16.42 4.54
CA SER A 217 24.64 16.59 3.35
C SER A 217 25.22 15.85 2.15
N TYR A 218 26.40 15.24 2.24
CA TYR A 218 27.10 14.74 1.08
C TYR A 218 26.34 13.64 0.35
N LYS A 219 25.82 12.64 1.08
CA LYS A 219 25.11 11.56 0.41
C LYS A 219 23.88 12.08 -0.35
N ASP A 220 23.14 12.98 0.28
CA ASP A 220 21.90 13.50 -0.32
C ASP A 220 22.20 14.33 -1.58
N SER A 221 23.13 15.27 -1.47
CA SER A 221 23.49 16.13 -2.59
C SER A 221 24.06 15.33 -3.75
N THR A 222 24.86 14.30 -3.49
CA THR A 222 25.42 13.52 -4.57
C THR A 222 24.33 12.65 -5.26
N LEU A 223 23.32 12.21 -4.48
CA LEU A 223 22.20 11.50 -5.08
C LEU A 223 21.45 12.41 -6.09
N ILE A 224 21.14 13.64 -5.66
CA ILE A 224 20.41 14.55 -6.54
C ILE A 224 21.26 14.90 -7.77
N MET A 225 22.57 15.10 -7.59
CA MET A 225 23.41 15.42 -8.75
C MET A 225 23.47 14.26 -9.75
N GLN A 226 23.47 12.99 -9.27
CA GLN A 226 23.39 11.84 -10.14
C GLN A 226 22.09 11.84 -10.95
N LEU A 227 20.97 12.24 -10.31
CA LEU A 227 19.70 12.30 -11.00
C LEU A 227 19.70 13.38 -12.07
N LEU A 228 20.29 14.52 -11.80
CA LEU A 228 20.43 15.56 -12.84
C LEU A 228 21.22 14.99 -14.01
N ARG A 229 22.34 14.28 -13.73
CA ARG A 229 23.15 13.68 -14.78
C ARG A 229 22.34 12.68 -15.61
N ASP A 230 21.59 11.79 -14.92
CA ASP A 230 20.80 10.78 -15.62
C ASP A 230 19.71 11.42 -16.50
N ASN A 231 18.99 12.42 -15.99
CA ASN A 231 18.01 13.13 -16.81
C ASN A 231 18.72 13.77 -18.02
N LEU A 232 19.89 14.38 -17.81
CA LEU A 232 20.60 15.00 -18.94
C LEU A 232 20.91 13.97 -20.03
N THR A 233 21.36 12.78 -19.65
CA THR A 233 21.63 11.70 -20.59
C THR A 233 20.34 11.30 -21.34
N LEU A 234 19.21 11.19 -20.61
CA LEU A 234 17.93 10.83 -21.18
C LEU A 234 17.44 11.87 -22.18
N TRP A 235 17.65 13.16 -21.90
CA TRP A 235 17.08 14.24 -22.67
C TRP A 235 17.92 14.63 -23.92
N THR A 236 19.15 14.11 -24.01
CA THR A 236 20.10 14.56 -25.04
C THR A 236 20.50 13.39 -25.93
N GLN B 1 10.46 6.60 -21.46
CA GLN B 1 10.96 6.75 -20.05
C GLN B 1 10.72 8.17 -19.52
N ARG B 2 9.99 8.28 -18.42
CA ARG B 2 9.68 9.58 -17.84
C ARG B 2 10.92 10.07 -17.08
N SER B 3 11.04 11.39 -17.00
CA SER B 3 12.11 12.06 -16.26
C SER B 3 12.03 11.65 -14.79
N THR B 4 13.17 11.61 -14.07
CA THR B 4 13.16 11.27 -12.66
C THR B 4 13.16 12.52 -11.82
N THR B 6 12.92 14.25 -7.59
CA THR B 6 13.52 14.00 -6.28
C THR B 6 12.87 12.78 -5.64
N PRO B 7 13.67 11.82 -5.12
CA PRO B 7 13.09 10.60 -4.56
C PRO B 7 12.46 10.84 -3.19
N ASN B 8 11.54 9.92 -2.87
CA ASN B 8 10.77 10.02 -1.63
C ASN B 8 11.53 9.35 -0.50
N VAL B 9 12.65 9.94 -0.10
CA VAL B 9 13.44 9.40 0.98
C VAL B 9 13.65 10.51 2.01
N HIS B 10 13.91 10.11 3.27
CA HIS B 10 14.31 11.12 4.26
C HIS B 10 15.64 11.79 3.89
N MET B 11 15.67 13.14 3.93
CA MET B 11 16.89 13.88 3.64
C MET B 11 17.60 14.14 4.97
N ALA C 2 -23.18 2.97 -4.37
CA ALA C 2 -24.42 2.16 -4.44
C ALA C 2 -24.32 1.12 -5.56
N MET C 3 -23.72 -0.03 -5.20
CA MET C 3 -23.43 -1.04 -6.18
C MET C 3 -24.61 -1.95 -6.50
N GLY C 4 -25.69 -1.89 -5.71
CA GLY C 4 -26.85 -2.76 -5.89
C GLY C 4 -27.46 -2.71 -7.29
N SER C 5 -27.45 -1.51 -7.87
CA SER C 5 -28.03 -1.20 -9.17
C SER C 5 -27.01 -1.26 -10.30
N MET C 6 -25.74 -1.57 -10.01
CA MET C 6 -24.73 -1.67 -11.05
C MET C 6 -24.78 -3.04 -11.74
N GLU C 7 -24.50 -3.03 -13.05
CA GLU C 7 -24.36 -4.27 -13.80
C GLU C 7 -23.25 -5.14 -13.18
N ARG C 8 -23.58 -6.43 -12.96
CA ARG C 8 -22.60 -7.39 -12.47
C ARG C 8 -21.35 -7.36 -13.33
N ALA C 9 -21.49 -7.38 -14.67
CA ALA C 9 -20.34 -7.45 -15.55
C ALA C 9 -19.45 -6.21 -15.39
N SER C 10 -20.05 -5.06 -15.06
CA SER C 10 -19.30 -3.82 -14.88
C SER C 10 -18.47 -3.89 -13.58
N LEU C 11 -19.06 -4.48 -12.55
CA LEU C 11 -18.34 -4.67 -11.28
C LEU C 11 -17.14 -5.58 -11.46
N ILE C 12 -17.29 -6.66 -12.21
CA ILE C 12 -16.18 -7.60 -12.46
C ILE C 12 -15.10 -6.88 -13.30
N GLN C 13 -15.50 -6.15 -14.34
CA GLN C 13 -14.50 -5.42 -15.14
C GLN C 13 -13.74 -4.40 -14.27
N LYS C 14 -14.44 -3.66 -13.40
CA LYS C 14 -13.79 -2.69 -12.51
C LYS C 14 -12.88 -3.39 -11.50
N ALA C 15 -13.27 -4.57 -11.00
CA ALA C 15 -12.34 -5.30 -10.16
C ALA C 15 -11.01 -5.63 -10.88
N LYS C 16 -11.08 -6.04 -12.16
CA LYS C 16 -9.89 -6.31 -12.93
C LYS C 16 -9.06 -5.06 -13.20
N LEU C 17 -9.71 -3.92 -13.46
CA LEU C 17 -9.04 -2.63 -13.61
C LEU C 17 -8.29 -2.28 -12.30
N ALA C 18 -8.99 -2.43 -11.18
CA ALA C 18 -8.43 -2.06 -9.90
C ALA C 18 -7.21 -2.94 -9.61
N GLU C 19 -7.28 -4.22 -9.98
CA GLU C 19 -6.17 -5.13 -9.80
C GLU C 19 -4.95 -4.64 -10.60
N GLN C 20 -5.15 -4.25 -11.85
CA GLN C 20 -4.02 -3.75 -12.66
C GLN C 20 -3.42 -2.47 -12.09
N ALA C 21 -4.23 -1.65 -11.43
CA ALA C 21 -3.82 -0.39 -10.83
C ALA C 21 -3.31 -0.57 -9.39
N GLU C 22 -3.26 -1.80 -8.91
CA GLU C 22 -2.82 -2.11 -7.55
C GLU C 22 -3.66 -1.39 -6.51
N ARG C 23 -4.96 -1.25 -6.77
CA ARG C 23 -5.90 -0.59 -5.87
C ARG C 23 -6.75 -1.65 -5.18
N TYR C 24 -6.19 -2.35 -4.18
CA TYR C 24 -6.83 -3.60 -3.71
C TYR C 24 -8.09 -3.34 -2.86
N GLU C 25 -8.18 -2.25 -2.10
CA GLU C 25 -9.39 -1.92 -1.40
C GLU C 25 -10.55 -1.75 -2.39
N ASP C 26 -10.30 -0.98 -3.49
CA ASP C 26 -11.34 -0.82 -4.50
C ASP C 26 -11.72 -2.18 -5.12
N MET C 27 -10.70 -2.98 -5.44
CA MET C 27 -10.92 -4.27 -6.05
C MET C 27 -11.86 -5.11 -5.17
N ALA C 28 -11.54 -5.17 -3.87
CA ALA C 28 -12.39 -5.90 -2.94
C ALA C 28 -13.82 -5.37 -2.86
N ALA C 29 -14.01 -4.05 -2.86
CA ALA C 29 -15.34 -3.49 -2.82
C ALA C 29 -16.16 -3.86 -4.07
N PHE C 30 -15.49 -3.83 -5.23
CA PHE C 30 -16.15 -4.26 -6.48
C PHE C 30 -16.58 -5.72 -6.41
N MET C 31 -15.71 -6.59 -5.89
CA MET C 31 -16.06 -8.01 -5.80
C MET C 31 -17.17 -8.24 -4.77
N LYS C 32 -17.19 -7.48 -3.65
CA LYS C 32 -18.30 -7.57 -2.69
C LYS C 32 -19.61 -7.26 -3.42
N GLY C 33 -19.62 -6.18 -4.20
CA GLY C 33 -20.79 -5.82 -4.99
C GLY C 33 -21.22 -6.93 -5.95
N ALA C 34 -20.25 -7.58 -6.59
CA ALA C 34 -20.58 -8.67 -7.51
C ALA C 34 -21.16 -9.85 -6.76
N VAL C 35 -20.58 -10.20 -5.59
CA VAL C 35 -21.12 -11.28 -4.78
C VAL C 35 -22.59 -11.00 -4.42
N GLU C 36 -22.86 -9.75 -4.09
CA GLU C 36 -24.18 -9.34 -3.59
C GLU C 36 -25.27 -9.41 -4.67
N LYS C 37 -24.88 -9.61 -5.93
CA LYS C 37 -25.82 -9.81 -7.03
C LYS C 37 -26.52 -11.15 -6.86
N GLY C 38 -25.95 -12.07 -6.08
CA GLY C 38 -26.59 -13.32 -5.65
C GLY C 38 -26.41 -14.49 -6.62
N GLU C 39 -25.59 -14.34 -7.68
CA GLU C 39 -25.24 -15.43 -8.57
C GLU C 39 -23.96 -16.13 -8.08
N GLU C 40 -23.77 -17.40 -8.46
CA GLU C 40 -22.54 -18.09 -8.19
C GLU C 40 -21.38 -17.42 -8.89
N LEU C 41 -20.17 -17.66 -8.34
CA LEU C 41 -18.95 -17.13 -8.91
C LEU C 41 -18.32 -18.19 -9.81
N SER C 42 -17.63 -17.71 -10.81
CA SER C 42 -16.71 -18.51 -11.62
C SER C 42 -15.36 -18.69 -10.93
N CYS C 43 -14.48 -19.48 -11.56
CA CYS C 43 -13.13 -19.68 -11.06
C CYS C 43 -12.33 -18.39 -11.07
N GLU C 44 -12.43 -17.63 -12.17
CA GLU C 44 -11.73 -16.35 -12.23
C GLU C 44 -12.27 -15.41 -11.16
N GLU C 45 -13.58 -15.42 -10.92
CA GLU C 45 -14.15 -14.51 -9.92
C GLU C 45 -13.68 -14.90 -8.51
N ARG C 46 -13.61 -16.18 -8.21
CA ARG C 46 -13.03 -16.62 -6.92
C ARG C 46 -11.60 -16.16 -6.73
N ASN C 47 -10.78 -16.19 -7.79
CA ASN C 47 -9.43 -15.67 -7.76
C ASN C 47 -9.46 -14.17 -7.47
N LEU C 48 -10.31 -13.40 -8.18
CA LEU C 48 -10.39 -11.95 -7.95
C LEU C 48 -10.78 -11.66 -6.49
N LEU C 49 -11.80 -12.36 -5.98
CA LEU C 49 -12.28 -12.13 -4.62
C LEU C 49 -11.17 -12.40 -3.63
N SER C 50 -10.51 -13.55 -3.78
CA SER C 50 -9.47 -14.00 -2.86
C SER C 50 -8.28 -13.04 -2.87
N VAL C 51 -7.78 -12.70 -4.08
CA VAL C 51 -6.60 -11.85 -4.23
C VAL C 51 -6.87 -10.48 -3.64
N ALA C 52 -8.07 -9.92 -3.88
CA ALA C 52 -8.40 -8.59 -3.38
C ALA C 52 -8.39 -8.57 -1.84
N TYR C 53 -9.21 -9.43 -1.20
CA TYR C 53 -9.29 -9.41 0.25
C TYR C 53 -7.99 -9.83 0.94
N LYS C 54 -7.22 -10.74 0.35
CA LYS C 54 -5.98 -11.18 0.96
C LYS C 54 -4.93 -10.07 0.87
N ASN C 55 -4.94 -9.24 -0.18
CA ASN C 55 -4.03 -8.08 -0.24
C ASN C 55 -4.39 -7.09 0.88
N VAL C 56 -5.68 -6.80 1.07
CA VAL C 56 -6.12 -5.85 2.10
C VAL C 56 -5.73 -6.40 3.48
N VAL C 57 -6.18 -7.61 3.81
CA VAL C 57 -5.94 -8.16 5.16
C VAL C 57 -4.46 -8.44 5.35
N GLY C 58 -3.74 -8.80 4.29
CA GLY C 58 -2.31 -9.09 4.40
C GLY C 58 -1.54 -7.84 4.82
N GLY C 59 -1.90 -6.69 4.26
CA GLY C 59 -1.26 -5.42 4.63
C GLY C 59 -1.55 -5.04 6.08
N GLN C 60 -2.80 -5.23 6.51
CA GLN C 60 -3.21 -4.99 7.88
C GLN C 60 -2.47 -5.91 8.85
N ARG C 61 -2.34 -7.20 8.52
CA ARG C 61 -1.66 -8.17 9.38
C ARG C 61 -0.19 -7.79 9.50
N ALA C 62 0.44 -7.37 8.40
CA ALA C 62 1.84 -6.99 8.46
C ALA C 62 2.02 -5.77 9.37
N ALA C 63 1.13 -4.79 9.25
CA ALA C 63 1.15 -3.58 10.07
C ALA C 63 0.92 -3.93 11.54
N TRP C 64 -0.05 -4.79 11.83
CA TRP C 64 -0.37 -5.17 13.20
C TRP C 64 0.84 -5.85 13.85
N ARG C 65 1.52 -6.71 13.09
CA ARG C 65 2.72 -7.43 13.58
C ARG C 65 3.82 -6.43 13.95
N VAL C 66 4.09 -5.45 13.09
CA VAL C 66 5.09 -4.42 13.40
C VAL C 66 4.73 -3.72 14.71
N LEU C 67 3.47 -3.30 14.85
CA LEU C 67 3.02 -2.46 15.96
C LEU C 67 3.02 -3.30 17.25
N SER C 68 2.57 -4.56 17.18
CA SER C 68 2.57 -5.44 18.34
C SER C 68 3.97 -5.66 18.86
N SER C 69 4.94 -5.83 17.96
CA SER C 69 6.33 -6.01 18.37
C SER C 69 6.84 -4.73 19.06
N ILE C 70 6.58 -3.55 18.48
CA ILE C 70 7.01 -2.29 19.10
C ILE C 70 6.40 -2.18 20.51
N GLU C 71 5.10 -2.49 20.61
CA GLU C 71 4.35 -2.39 21.86
C GLU C 71 5.02 -3.24 22.94
N GLN C 72 5.28 -4.49 22.60
CA GLN C 72 5.82 -5.48 23.54
C GLN C 72 7.21 -5.04 23.98
N LYS C 73 8.01 -4.52 23.04
CA LYS C 73 9.39 -4.15 23.34
C LYS C 73 9.35 -2.99 24.31
N SER C 74 8.48 -2.02 24.05
CA SER C 74 8.30 -0.87 24.89
C SER C 74 7.89 -1.29 26.31
N ASN C 75 6.92 -2.15 26.40
CA ASN C 75 6.37 -2.58 27.69
C ASN C 75 7.43 -3.33 28.53
N GLU C 76 8.28 -4.15 27.86
CA GLU C 76 9.32 -4.96 28.50
C GLU C 76 10.40 -4.08 29.10
N GLU C 77 10.76 -3.04 28.36
CA GLU C 77 11.71 -2.10 28.90
C GLU C 77 11.13 -1.48 30.18
N GLY C 78 9.84 -1.16 30.13
CA GLY C 78 9.08 -0.91 31.33
C GLY C 78 9.27 0.53 31.85
N SER C 79 9.65 1.45 30.95
CA SER C 79 9.84 2.87 31.26
C SER C 79 8.56 3.55 31.73
N GLU C 80 8.70 4.47 32.70
CA GLU C 80 7.57 5.13 33.34
C GLU C 80 6.73 5.92 32.33
N GLU C 81 7.27 6.20 31.11
CA GLU C 81 6.77 7.28 30.24
C GLU C 81 6.35 6.90 28.81
N LYS C 82 6.50 5.66 28.32
CA LYS C 82 6.16 5.45 26.92
C LYS C 82 5.28 4.21 26.82
N GLY C 83 4.55 4.04 25.69
CA GLY C 83 3.70 2.86 25.47
C GLY C 83 2.24 3.14 25.11
N PRO C 84 1.60 4.22 25.63
CA PRO C 84 0.19 4.53 25.34
C PRO C 84 -0.13 4.78 23.87
N GLU C 85 0.75 5.48 23.17
CA GLU C 85 0.49 5.78 21.76
C GLU C 85 0.51 4.52 20.91
N VAL C 86 1.53 3.66 21.11
CA VAL C 86 1.66 2.48 20.26
C VAL C 86 0.51 1.53 20.54
N ARG C 87 0.11 1.38 21.81
CA ARG C 87 -1.05 0.58 22.14
C ARG C 87 -2.31 1.10 21.43
N GLU C 88 -2.58 2.41 21.48
CA GLU C 88 -3.78 2.98 20.87
C GLU C 88 -3.76 2.76 19.34
N TYR C 89 -2.59 2.95 18.71
CA TYR C 89 -2.54 2.84 17.25
C TYR C 89 -2.62 1.36 16.83
N ARG C 90 -1.97 0.44 17.58
CA ARG C 90 -2.16 -0.98 17.36
C ARG C 90 -3.65 -1.36 17.46
N GLU C 91 -4.38 -0.81 18.43
CA GLU C 91 -5.81 -1.05 18.58
C GLU C 91 -6.58 -0.55 17.35
N LYS C 92 -6.14 0.60 16.79
CA LYS C 92 -6.83 1.15 15.64
C LYS C 92 -6.69 0.18 14.44
N VAL C 93 -5.46 -0.24 14.15
CA VAL C 93 -5.19 -1.15 13.05
C VAL C 93 -5.95 -2.45 13.27
N GLU C 94 -5.93 -2.98 14.52
CA GLU C 94 -6.60 -4.22 14.87
C GLU C 94 -8.10 -4.12 14.57
N THR C 95 -8.74 -3.00 14.92
CA THR C 95 -10.16 -2.81 14.69
C THR C 95 -10.48 -2.84 13.17
N GLU C 96 -9.60 -2.23 12.38
CA GLU C 96 -9.82 -2.20 10.93
C GLU C 96 -9.67 -3.62 10.34
N LEU C 97 -8.67 -4.36 10.79
CA LEU C 97 -8.45 -5.75 10.39
C LEU C 97 -9.67 -6.60 10.69
N GLN C 98 -10.15 -6.47 11.93
CA GLN C 98 -11.31 -7.23 12.36
C GLN C 98 -12.51 -6.92 11.47
N GLY C 99 -12.69 -5.66 11.13
CA GLY C 99 -13.79 -5.25 10.28
C GLY C 99 -13.74 -5.88 8.88
N VAL C 100 -12.54 -5.97 8.29
CA VAL C 100 -12.38 -6.61 6.99
C VAL C 100 -12.68 -8.11 7.07
N CYS C 101 -12.15 -8.75 8.10
CA CYS C 101 -12.43 -10.17 8.30
C CYS C 101 -13.93 -10.41 8.49
N ASP C 102 -14.58 -9.60 9.30
CA ASP C 102 -16.03 -9.73 9.48
C ASP C 102 -16.80 -9.57 8.16
N THR C 103 -16.36 -8.66 7.28
CA THR C 103 -17.00 -8.46 5.99
C THR C 103 -16.88 -9.74 5.15
N VAL C 104 -15.68 -10.34 5.11
CA VAL C 104 -15.48 -11.54 4.33
C VAL C 104 -16.33 -12.69 4.88
N LEU C 105 -16.30 -12.89 6.19
CA LEU C 105 -17.09 -13.94 6.81
C LEU C 105 -18.58 -13.72 6.56
N GLY C 106 -19.01 -12.47 6.54
CA GLY C 106 -20.41 -12.15 6.23
C GLY C 106 -20.79 -12.56 4.82
N LEU C 107 -19.92 -12.30 3.85
CA LEU C 107 -20.17 -12.69 2.46
C LEU C 107 -20.25 -14.21 2.35
N LEU C 108 -19.33 -14.93 3.01
CA LEU C 108 -19.31 -16.38 2.96
C LEU C 108 -20.63 -16.95 3.53
N ASP C 109 -21.07 -16.37 4.64
CA ASP C 109 -22.25 -16.88 5.34
C ASP C 109 -23.54 -16.47 4.64
N SER C 110 -23.63 -15.27 4.09
CA SER C 110 -24.88 -14.76 3.55
C SER C 110 -25.09 -15.22 2.11
N HIS C 111 -24.00 -15.43 1.35
CA HIS C 111 -24.10 -15.64 -0.10
C HIS C 111 -23.40 -16.90 -0.60
N LEU C 112 -22.14 -17.14 -0.22
CA LEU C 112 -21.27 -18.00 -1.01
C LEU C 112 -21.35 -19.48 -0.61
N ILE C 113 -21.32 -19.82 0.68
CA ILE C 113 -21.17 -21.22 1.06
C ILE C 113 -22.45 -22.01 0.73
N LYS C 114 -23.59 -21.47 1.18
CA LYS C 114 -24.87 -22.13 0.92
C LYS C 114 -25.14 -22.27 -0.59
N GLU C 115 -24.79 -21.25 -1.39
CA GLU C 115 -25.16 -21.17 -2.80
C GLU C 115 -24.21 -21.98 -3.70
N ALA C 116 -23.10 -22.54 -3.19
CA ALA C 116 -22.13 -23.23 -4.05
C ALA C 116 -22.71 -24.54 -4.62
N GLY C 117 -22.51 -24.77 -5.91
CA GLY C 117 -23.17 -25.91 -6.55
C GLY C 117 -22.26 -27.10 -6.84
N ASP C 118 -21.00 -27.07 -6.41
CA ASP C 118 -20.11 -28.20 -6.63
C ASP C 118 -19.17 -28.30 -5.43
N ALA C 119 -18.56 -29.48 -5.26
CA ALA C 119 -17.71 -29.75 -4.11
C ALA C 119 -16.48 -28.86 -4.11
N GLU C 120 -15.85 -28.67 -5.26
CA GLU C 120 -14.65 -27.89 -5.35
C GLU C 120 -14.89 -26.47 -4.80
N SER C 121 -15.96 -25.81 -5.25
CA SER C 121 -16.19 -24.47 -4.80
C SER C 121 -16.61 -24.42 -3.33
N ARG C 122 -17.43 -25.35 -2.86
CA ARG C 122 -17.76 -25.41 -1.44
C ARG C 122 -16.49 -25.54 -0.59
N VAL C 123 -15.55 -26.38 -0.97
CA VAL C 123 -14.31 -26.56 -0.25
C VAL C 123 -13.49 -25.25 -0.22
N PHE C 124 -13.37 -24.59 -1.39
CA PHE C 124 -12.73 -23.27 -1.45
C PHE C 124 -13.32 -22.29 -0.42
N TYR C 125 -14.65 -22.19 -0.36
CA TYR C 125 -15.30 -21.22 0.52
C TYR C 125 -15.15 -21.62 2.00
N LEU C 126 -15.16 -22.91 2.30
CA LEU C 126 -14.97 -23.32 3.69
C LEU C 126 -13.54 -23.10 4.12
N LYS C 127 -12.57 -23.33 3.25
CA LYS C 127 -11.20 -22.98 3.52
C LYS C 127 -11.11 -21.49 3.81
N MET C 128 -11.76 -20.67 2.97
CA MET C 128 -11.68 -19.21 3.13
C MET C 128 -12.23 -18.82 4.52
N LYS C 129 -13.33 -19.43 4.93
CA LYS C 129 -13.91 -19.23 6.26
C LYS C 129 -12.91 -19.58 7.38
N GLY C 130 -12.23 -20.71 7.23
CA GLY C 130 -11.19 -21.10 8.20
C GLY C 130 -10.05 -20.07 8.24
N ASP C 131 -9.60 -19.62 7.06
CA ASP C 131 -8.52 -18.65 6.97
C ASP C 131 -8.88 -17.34 7.67
N TYR C 132 -10.10 -16.80 7.47
CA TYR C 132 -10.44 -15.49 8.01
C TYR C 132 -10.70 -15.60 9.50
N TYR C 133 -11.27 -16.72 9.97
CA TYR C 133 -11.27 -16.91 11.42
C TYR C 133 -9.85 -17.05 11.97
N ARG C 134 -8.93 -17.66 11.23
CA ARG C 134 -7.55 -17.76 11.67
C ARG C 134 -6.93 -16.36 11.82
N TYR C 135 -7.16 -15.48 10.83
CA TYR C 135 -6.66 -14.11 10.94
C TYR C 135 -7.27 -13.37 12.13
N LEU C 136 -8.55 -13.59 12.44
CA LEU C 136 -9.14 -13.03 13.65
C LEU C 136 -8.47 -13.62 14.89
N ALA C 137 -8.13 -14.92 14.85
CA ALA C 137 -7.53 -15.58 16.02
C ALA C 137 -6.15 -14.99 16.37
N GLU C 138 -5.41 -14.54 15.37
CA GLU C 138 -4.07 -14.01 15.59
C GLU C 138 -4.12 -12.76 16.48
N VAL C 139 -5.21 -11.99 16.46
CA VAL C 139 -5.28 -10.74 17.19
C VAL C 139 -6.23 -10.84 18.40
N ALA C 140 -6.91 -11.99 18.54
CA ALA C 140 -7.86 -12.19 19.63
C ALA C 140 -7.12 -12.49 20.95
N THR C 141 -7.80 -12.17 22.06
CA THR C 141 -7.32 -12.53 23.39
C THR C 141 -8.42 -13.24 24.17
N GLY C 142 -8.00 -14.01 25.17
CA GLY C 142 -8.88 -14.56 26.21
C GLY C 142 -9.91 -15.56 25.68
N ASP C 143 -11.15 -15.38 26.14
CA ASP C 143 -12.24 -16.30 25.85
C ASP C 143 -12.70 -16.12 24.41
N ASP C 144 -12.69 -14.87 23.92
CA ASP C 144 -13.00 -14.64 22.51
C ASP C 144 -12.09 -15.49 21.64
N LYS C 145 -10.80 -15.56 22.01
CA LYS C 145 -9.81 -16.27 21.24
C LYS C 145 -10.21 -17.74 21.13
N LYS C 146 -10.64 -18.33 22.25
CA LYS C 146 -10.99 -19.74 22.25
C LYS C 146 -12.15 -20.03 21.29
N ARG C 147 -13.19 -19.21 21.31
CA ARG C 147 -14.34 -19.37 20.43
C ARG C 147 -13.92 -19.25 18.96
N ILE C 148 -13.07 -18.26 18.69
CA ILE C 148 -12.67 -18.00 17.29
C ILE C 148 -11.86 -19.18 16.78
N ILE C 149 -10.95 -19.71 17.61
CA ILE C 149 -10.11 -20.83 17.25
C ILE C 149 -10.99 -22.04 16.90
N ASP C 150 -12.02 -22.26 17.72
CA ASP C 150 -12.94 -23.37 17.48
C ASP C 150 -13.69 -23.17 16.14
N SER C 151 -14.10 -21.94 15.83
CA SER C 151 -14.81 -21.64 14.58
C SER C 151 -13.91 -21.96 13.38
N ALA C 152 -12.63 -21.57 13.44
CA ALA C 152 -11.66 -21.86 12.39
C ALA C 152 -11.51 -23.36 12.20
N ARG C 153 -11.33 -24.06 13.33
CA ARG C 153 -11.12 -25.51 13.31
C ARG C 153 -12.31 -26.21 12.64
N SER C 154 -13.52 -25.80 13.00
CA SER C 154 -14.75 -26.41 12.49
C SER C 154 -14.88 -26.21 10.98
N ALA C 155 -14.57 -25.00 10.50
CA ALA C 155 -14.59 -24.75 9.06
C ALA C 155 -13.56 -25.57 8.31
N TYR C 156 -12.30 -25.60 8.79
CA TYR C 156 -11.27 -26.38 8.15
C TYR C 156 -11.63 -27.87 8.15
N GLN C 157 -12.19 -28.37 9.27
CA GLN C 157 -12.44 -29.81 9.34
CA GLN C 157 -12.54 -29.79 9.44
C GLN C 157 -13.55 -30.20 8.36
N GLU C 158 -14.58 -29.38 8.21
CA GLU C 158 -15.64 -29.67 7.27
C GLU C 158 -15.09 -29.63 5.85
N ALA C 159 -14.22 -28.65 5.54
CA ALA C 159 -13.59 -28.61 4.25
C ALA C 159 -12.75 -29.85 3.96
N MET C 160 -11.99 -30.31 4.98
CA MET C 160 -11.12 -31.47 4.84
C MET C 160 -11.96 -32.74 4.59
N ASP C 161 -13.12 -32.84 5.24
CA ASP C 161 -13.99 -34.02 5.17
C ASP C 161 -14.52 -34.14 3.76
N ILE C 162 -14.96 -33.00 3.20
CA ILE C 162 -15.46 -33.00 1.82
C ILE C 162 -14.34 -33.29 0.84
N SER C 163 -13.17 -32.64 0.99
CA SER C 163 -12.11 -32.73 0.02
C SER C 163 -11.59 -34.18 -0.12
N LYS C 164 -11.55 -34.91 1.00
CA LYS C 164 -11.07 -36.29 1.01
C LYS C 164 -12.04 -37.20 0.26
N LYS C 165 -13.33 -36.89 0.29
CA LYS C 165 -14.38 -37.71 -0.34
C LYS C 165 -14.55 -37.34 -1.80
N GLU C 166 -14.25 -36.08 -2.18
CA GLU C 166 -14.73 -35.55 -3.44
C GLU C 166 -13.65 -35.11 -4.41
N MET C 167 -12.39 -34.98 -3.99
CA MET C 167 -11.37 -34.32 -4.81
C MET C 167 -10.07 -35.14 -4.79
N PRO C 168 -9.27 -35.07 -5.87
CA PRO C 168 -8.01 -35.80 -5.88
C PRO C 168 -7.00 -35.18 -4.92
N PRO C 169 -6.04 -35.97 -4.41
CA PRO C 169 -5.04 -35.44 -3.47
C PRO C 169 -4.11 -34.38 -4.04
N THR C 170 -3.99 -34.28 -5.37
CA THR C 170 -3.17 -33.27 -6.04
C THR C 170 -3.95 -31.99 -6.38
N ASN C 171 -5.26 -31.94 -6.11
CA ASN C 171 -6.03 -30.77 -6.49
C ASN C 171 -5.50 -29.55 -5.71
N PRO C 172 -5.20 -28.42 -6.37
CA PRO C 172 -4.59 -27.28 -5.66
C PRO C 172 -5.45 -26.64 -4.57
N ILE C 173 -6.77 -26.74 -4.65
CA ILE C 173 -7.65 -26.25 -3.59
C ILE C 173 -7.46 -27.18 -2.39
N ARG C 174 -7.48 -28.52 -2.61
CA ARG C 174 -7.28 -29.46 -1.52
C ARG C 174 -5.91 -29.26 -0.87
N LEU C 175 -4.90 -29.05 -1.71
CA LEU C 175 -3.51 -28.87 -1.22
C LEU C 175 -3.40 -27.58 -0.39
N GLY C 176 -3.97 -26.49 -0.90
CA GLY C 176 -3.87 -25.21 -0.20
C GLY C 176 -4.65 -25.25 1.11
N LEU C 177 -5.79 -25.94 1.14
CA LEU C 177 -6.55 -26.14 2.36
C LEU C 177 -5.68 -26.87 3.40
N ALA C 178 -5.06 -27.98 2.98
CA ALA C 178 -4.29 -28.78 3.92
C ALA C 178 -3.07 -28.02 4.47
N LEU C 179 -2.37 -27.33 3.57
CA LEU C 179 -1.31 -26.41 3.95
C LEU C 179 -1.79 -25.44 5.03
N ASN C 180 -2.89 -24.71 4.77
CA ASN C 180 -3.36 -23.71 5.71
C ASN C 180 -3.82 -24.31 7.05
N PHE C 181 -4.45 -25.49 7.01
CA PHE C 181 -4.90 -26.16 8.22
C PHE C 181 -3.68 -26.63 9.04
N SER C 182 -2.60 -27.01 8.36
CA SER C 182 -1.39 -27.39 9.07
C SER C 182 -0.77 -26.18 9.77
N VAL C 183 -0.85 -25.00 9.13
CA VAL C 183 -0.37 -23.76 9.74
C VAL C 183 -1.22 -23.41 10.94
N PHE C 184 -2.54 -23.54 10.84
CA PHE C 184 -3.46 -23.37 11.95
C PHE C 184 -3.00 -24.23 13.14
N HIS C 185 -2.76 -25.52 12.87
CA HIS C 185 -2.36 -26.41 13.95
C HIS C 185 -1.08 -25.92 14.64
N TYR C 186 -0.09 -25.50 13.85
CA TYR C 186 1.21 -25.19 14.42
C TYR C 186 1.21 -23.81 15.10
N GLU C 187 0.65 -22.81 14.43
CA GLU C 187 0.84 -21.42 14.84
C GLU C 187 -0.28 -20.95 15.77
N ILE C 188 -1.48 -21.53 15.68
CA ILE C 188 -2.65 -21.05 16.38
C ILE C 188 -3.05 -21.99 17.51
N ALA C 189 -3.13 -23.28 17.22
CA ALA C 189 -3.73 -24.22 18.15
C ALA C 189 -2.67 -24.92 19.00
N ASN C 190 -1.39 -24.57 18.82
CA ASN C 190 -0.29 -25.12 19.60
C ASN C 190 -0.34 -26.65 19.56
N SER C 191 -0.46 -27.20 18.35
CA SER C 191 -0.55 -28.63 18.11
C SER C 191 0.47 -29.03 17.04
N PRO C 192 1.78 -28.99 17.35
CA PRO C 192 2.81 -29.28 16.35
C PRO C 192 2.73 -30.71 15.82
N GLU C 193 2.31 -31.66 16.65
CA GLU C 193 2.20 -33.05 16.25
C GLU C 193 1.19 -33.21 15.11
N GLU C 194 0.01 -32.60 15.29
CA GLU C 194 -1.03 -32.65 14.26
C GLU C 194 -0.58 -31.88 13.00
N ALA C 195 0.10 -30.74 13.18
CA ALA C 195 0.59 -29.97 12.04
C ALA C 195 1.48 -30.86 11.19
N ILE C 196 2.46 -31.50 11.83
CA ILE C 196 3.48 -32.27 11.12
C ILE C 196 2.84 -33.49 10.46
N SER C 197 1.98 -34.18 11.19
CA SER C 197 1.26 -35.33 10.69
C SER C 197 0.43 -34.98 9.45
N LEU C 198 -0.35 -33.90 9.53
CA LEU C 198 -1.18 -33.49 8.42
C LEU C 198 -0.30 -33.11 7.21
N ALA C 199 0.76 -32.33 7.44
CA ALA C 199 1.61 -31.90 6.34
C ALA C 199 2.27 -33.09 5.64
N LYS C 200 2.76 -34.06 6.42
CA LYS C 200 3.45 -35.21 5.85
C LYS C 200 2.49 -36.08 5.02
N THR C 201 1.32 -36.40 5.57
CA THR C 201 0.31 -37.18 4.86
C THR C 201 -0.08 -36.49 3.56
N THR C 202 -0.35 -35.17 3.63
CA THR C 202 -0.75 -34.41 2.45
C THR C 202 0.32 -34.52 1.37
N PHE C 203 1.59 -34.30 1.77
CA PHE C 203 2.68 -34.24 0.82
C PHE C 203 2.82 -35.62 0.14
N ASP C 204 2.83 -36.67 0.95
CA ASP C 204 3.08 -38.01 0.43
C ASP C 204 1.97 -38.47 -0.50
N GLU C 205 0.69 -38.20 -0.15
CA GLU C 205 -0.43 -38.65 -0.96
C GLU C 205 -0.45 -37.90 -2.30
N ALA C 206 -0.02 -36.63 -2.27
CA ALA C 206 0.08 -35.83 -3.49
C ALA C 206 1.16 -36.37 -4.42
N MET C 207 2.34 -36.69 -3.86
CA MET C 207 3.51 -37.14 -4.62
C MET C 207 3.19 -38.39 -5.44
N ALA C 208 2.41 -39.32 -4.85
CA ALA C 208 2.02 -40.57 -5.47
C ALA C 208 1.23 -40.38 -6.78
N ASP C 209 0.55 -39.23 -6.99
CA ASP C 209 -0.28 -39.04 -8.16
C ASP C 209 0.28 -38.02 -9.16
N LEU C 210 1.50 -37.52 -8.94
CA LEU C 210 2.06 -36.46 -9.78
C LEU C 210 2.16 -36.87 -11.25
N HIS C 211 2.40 -38.17 -11.49
CA HIS C 211 2.57 -38.70 -12.84
C HIS C 211 1.33 -38.47 -13.72
N THR C 212 0.16 -38.16 -13.13
CA THR C 212 -1.06 -38.02 -13.90
C THR C 212 -1.31 -36.58 -14.37
N LEU C 213 -0.53 -35.58 -13.93
CA LEU C 213 -0.93 -34.18 -14.06
C LEU C 213 -0.54 -33.55 -15.40
N SER C 214 -1.24 -32.47 -15.75
CA SER C 214 -1.14 -31.79 -17.03
C SER C 214 0.30 -31.34 -17.31
N SER C 217 -1.28 -27.98 -14.49
CA SER C 217 -1.71 -28.43 -13.14
C SER C 217 -0.49 -28.74 -12.28
N TYR C 218 0.54 -29.33 -12.91
CA TYR C 218 1.76 -29.75 -12.25
C TYR C 218 2.44 -28.58 -11.55
N LYS C 219 2.54 -27.41 -12.19
CA LYS C 219 3.18 -26.25 -11.60
C LYS C 219 2.55 -25.88 -10.26
N ASP C 220 1.21 -25.80 -10.24
CA ASP C 220 0.48 -25.33 -9.09
C ASP C 220 0.59 -26.31 -7.92
N SER C 221 0.36 -27.59 -8.22
CA SER C 221 0.42 -28.65 -7.22
C SER C 221 1.81 -28.71 -6.58
N THR C 222 2.84 -28.65 -7.42
CA THR C 222 4.20 -28.86 -6.93
C THR C 222 4.64 -27.66 -6.10
N LEU C 223 4.13 -26.45 -6.42
CA LEU C 223 4.41 -25.28 -5.62
C LEU C 223 3.91 -25.42 -4.18
N ILE C 224 2.64 -25.80 -4.00
CA ILE C 224 2.11 -26.01 -2.66
C ILE C 224 2.85 -27.14 -1.95
N MET C 225 3.18 -28.22 -2.69
CA MET C 225 3.93 -29.33 -2.09
C MET C 225 5.29 -28.88 -1.54
N GLN C 226 5.97 -27.99 -2.26
CA GLN C 226 7.22 -27.42 -1.79
C GLN C 226 7.01 -26.65 -0.47
N LEU C 227 5.90 -25.92 -0.34
CA LEU C 227 5.67 -25.17 0.88
C LEU C 227 5.39 -26.11 2.05
N LEU C 228 4.68 -27.22 1.82
CA LEU C 228 4.53 -28.25 2.83
C LEU C 228 5.91 -28.72 3.29
N ARG C 229 6.81 -28.96 2.33
CA ARG C 229 8.15 -29.44 2.62
C ARG C 229 8.94 -28.40 3.41
N ASP C 230 8.87 -27.12 3.01
CA ASP C 230 9.53 -26.03 3.74
C ASP C 230 9.06 -25.97 5.20
N ASN C 231 7.74 -26.05 5.42
CA ASN C 231 7.23 -26.07 6.77
C ASN C 231 7.76 -27.28 7.53
N LEU C 232 7.79 -28.45 6.89
CA LEU C 232 8.26 -29.66 7.57
C LEU C 232 9.72 -29.49 8.02
N THR C 233 10.56 -28.89 7.17
CA THR C 233 11.96 -28.64 7.49
C THR C 233 12.06 -27.64 8.65
N LEU C 234 11.20 -26.60 8.66
CA LEU C 234 11.19 -25.60 9.72
C LEU C 234 10.75 -26.20 11.04
N TRP C 235 9.79 -27.13 10.99
CA TRP C 235 9.21 -27.76 12.17
C TRP C 235 10.09 -28.96 12.57
N THR C 236 11.10 -29.30 11.73
CA THR C 236 12.29 -30.09 12.07
C THR C 236 13.54 -29.21 12.08
N GLN D 1 10.88 -17.75 10.14
CA GLN D 1 10.44 -18.15 11.50
C GLN D 1 8.93 -18.43 11.53
N ARG D 2 8.09 -17.63 10.83
CA ARG D 2 6.68 -17.97 10.77
C ARG D 2 6.49 -19.02 9.68
N SER D 3 5.55 -19.94 9.90
CA SER D 3 5.21 -20.96 8.91
C SER D 3 4.67 -20.27 7.65
N THR D 4 4.83 -20.91 6.48
CA THR D 4 4.35 -20.35 5.23
C THR D 4 2.95 -20.90 4.94
N THR D 6 -0.61 -20.68 2.08
CA THR D 6 -0.80 -20.63 0.65
C THR D 6 -0.59 -19.21 0.14
N PRO D 7 0.19 -19.01 -0.93
CA PRO D 7 0.48 -17.68 -1.45
C PRO D 7 -0.70 -17.01 -2.10
N ASN D 8 -0.66 -15.67 -2.10
CA ASN D 8 -1.69 -14.86 -2.70
C ASN D 8 -1.47 -14.65 -4.19
N VAL D 9 -1.61 -15.73 -4.97
CA VAL D 9 -1.41 -15.65 -6.40
C VAL D 9 -2.63 -16.25 -7.08
N HIS D 10 -2.87 -15.86 -8.34
CA HIS D 10 -3.90 -16.54 -9.13
C HIS D 10 -3.54 -18.01 -9.35
N MET D 11 -4.49 -18.91 -9.08
CA MET D 11 -4.32 -20.33 -9.40
C MET D 11 -5.05 -20.57 -10.73
#